data_8QE0
#
_entry.id   8QE0
#
_cell.length_a   68.179
_cell.length_b   93.984
_cell.length_c   116.409
_cell.angle_alpha   90.00
_cell.angle_beta   90.00
_cell.angle_gamma   90.00
#
_symmetry.space_group_name_H-M   'I 2 2 2'
#
loop_
_entity.id
_entity.type
_entity.pdbx_description
1 polymer 'S-adenosylmethionine synthase isoform type-2'
2 non-polymer 4-[4-[bis(fluoranyl)methoxy]phenyl]-3-cyclopropyl-2~{H}-pyrazolo[4,3-b]pyridin-5-one
3 non-polymer S-ADENOSYLMETHIONINE
4 water water
#
_entity_poly.entity_id   1
_entity_poly.type   'polypeptide(L)'
_entity_poly.pdbx_seq_one_letter_code
;QSMNGQLNGFHEAFIEEGTFLFTSESVGEGHPDKICDQISDAVLDAHLQQDPDAKVACETVAKTGMILLAGEITSRAAVD
YQKVVREAVKHIGYDDSSKGFDYKTCNVLVALEQQSPDIAQGVHLDRNEEDIGAGDQGLMFGYATDETEECMPLTIVLAH
KLNAKLAELRRNGTLPWLRPDSKTQVTVQYMQDRGAVLPIRVHTIVISVQHDEEVCLDEMRDALKEKVIKAVVPAKYLDE
DTIYHLQPSGRFVIGGPQGDAGLTGRKIIVDTYGGWGAHGGGAFSGKDYTKVDRSAAYAARWVAKSLVKGGLCRRVLVQV
SYAIGVSHPLSISIFHYGTSQKSERELLEIVKKNFDLRPGVIVRDLDLKKPIYQRTAAYGHFGRDSFPWEVPKKLKY
;
_entity_poly.pdbx_strand_id   A
#
# COMPACT_ATOMS: atom_id res chain seq x y z
N GLY A 18 24.89 19.42 1.42
CA GLY A 18 23.49 19.45 1.77
C GLY A 18 22.60 18.55 0.93
N THR A 19 23.11 18.09 -0.24
CA THR A 19 22.28 17.23 -1.10
C THR A 19 22.52 15.75 -0.82
N PHE A 20 21.52 14.92 -1.16
CA PHE A 20 21.62 13.48 -0.98
C PHE A 20 20.68 12.79 -1.96
N LEU A 21 20.88 11.49 -2.15
CA LEU A 21 20.02 10.70 -3.01
C LEU A 21 19.11 9.81 -2.15
N PHE A 22 17.91 9.56 -2.67
CA PHE A 22 17.00 8.61 -2.04
C PHE A 22 16.27 7.87 -3.14
N THR A 23 16.10 6.57 -2.96
CA THR A 23 15.44 5.76 -3.96
C THR A 23 14.22 5.06 -3.36
N SER A 24 13.12 5.00 -4.12
CA SER A 24 11.95 4.21 -3.75
C SER A 24 11.50 3.42 -4.98
N GLU A 25 10.76 2.34 -4.76
CA GLU A 25 10.21 1.57 -5.86
C GLU A 25 8.70 1.41 -5.73
N SER A 26 8.07 1.00 -6.82
CA SER A 26 6.69 0.61 -6.82
C SER A 26 6.52 -0.57 -7.79
N VAL A 27 5.36 -1.23 -7.73
CA VAL A 27 5.06 -2.32 -8.64
C VAL A 27 3.65 -2.18 -9.20
N GLY A 28 3.40 -2.84 -10.31
CA GLY A 28 2.10 -2.77 -10.94
C GLY A 28 1.09 -3.74 -10.36
N GLU A 29 -0.14 -3.62 -10.84
CA GLU A 29 -1.25 -4.46 -10.41
C GLU A 29 -1.00 -5.94 -10.68
N GLY A 30 -0.26 -6.26 -11.72
CA GLY A 30 0.03 -7.64 -12.07
C GLY A 30 1.31 -8.21 -11.53
N HIS A 31 2.04 -7.43 -10.69
CA HIS A 31 3.20 -7.97 -10.01
C HIS A 31 2.65 -9.08 -9.07
N PRO A 32 3.28 -10.26 -9.01
CA PRO A 32 2.63 -11.38 -8.30
C PRO A 32 2.32 -11.13 -6.83
N ASP A 33 3.19 -10.40 -6.12
CA ASP A 33 2.91 -10.06 -4.73
C ASP A 33 1.69 -9.16 -4.67
N LYS A 34 1.60 -8.17 -5.56
CA LYS A 34 0.47 -7.27 -5.59
C LYS A 34 -0.81 -7.95 -5.97
N ILE A 35 -0.76 -8.96 -6.85
CA ILE A 35 -1.95 -9.78 -7.16
C ILE A 35 -2.52 -10.37 -5.87
N CYS A 36 -1.63 -10.91 -5.04
CA CYS A 36 -2.03 -11.49 -3.78
C CYS A 36 -2.67 -10.49 -2.84
N ASP A 37 -2.09 -9.28 -2.72
CA ASP A 37 -2.69 -8.25 -1.87
C ASP A 37 -4.10 -7.89 -2.37
N GLN A 38 -4.28 -7.75 -3.70
CA GLN A 38 -5.56 -7.40 -4.25
C GLN A 38 -6.57 -8.51 -4.04
N ILE A 39 -6.17 -9.77 -4.18
CA ILE A 39 -7.10 -10.88 -3.96
C ILE A 39 -7.49 -10.94 -2.49
N SER A 40 -6.49 -10.83 -1.58
CA SER A 40 -6.78 -10.84 -0.15
C SER A 40 -7.79 -9.75 0.23
N ASP A 41 -7.67 -8.56 -0.35
CA ASP A 41 -8.60 -7.48 -0.09
C ASP A 41 -9.93 -7.63 -0.82
N ALA A 42 -9.96 -8.31 -1.97
CA ALA A 42 -11.23 -8.60 -2.63
C ALA A 42 -12.02 -9.60 -1.73
N VAL A 43 -11.33 -10.55 -1.11
CA VAL A 43 -11.98 -11.50 -0.20
C VAL A 43 -12.50 -10.77 1.04
N LEU A 44 -11.66 -9.88 1.62
CA LEU A 44 -12.11 -9.07 2.77
C LEU A 44 -13.37 -8.25 2.40
N ASP A 45 -13.35 -7.56 1.25
CA ASP A 45 -14.47 -6.74 0.85
C ASP A 45 -15.73 -7.57 0.64
N ALA A 46 -15.58 -8.76 0.04
CA ALA A 46 -16.72 -9.64 -0.16
C ALA A 46 -17.40 -10.02 1.15
N HIS A 47 -16.58 -10.28 2.17
CA HIS A 47 -17.12 -10.58 3.49
C HIS A 47 -17.79 -9.34 4.10
N LEU A 48 -17.14 -8.17 4.05
CA LEU A 48 -17.70 -6.96 4.65
C LEU A 48 -18.97 -6.48 3.99
N GLN A 49 -19.17 -6.80 2.70
CA GLN A 49 -20.41 -6.43 2.02
C GLN A 49 -21.61 -7.12 2.67
N GLN A 50 -21.44 -8.29 3.26
CA GLN A 50 -22.54 -9.01 3.90
C GLN A 50 -22.51 -8.96 5.41
N ASP A 51 -21.30 -8.91 5.98
CA ASP A 51 -21.13 -8.93 7.43
C ASP A 51 -20.08 -7.90 7.79
N PRO A 52 -20.51 -6.70 8.22
CA PRO A 52 -19.53 -5.66 8.57
C PRO A 52 -18.59 -6.03 9.70
N ASP A 53 -18.96 -7.02 10.53
CA ASP A 53 -18.14 -7.47 11.64
C ASP A 53 -17.36 -8.75 11.35
N ALA A 54 -17.16 -9.10 10.07
CA ALA A 54 -16.38 -10.28 9.70
C ALA A 54 -14.96 -10.17 10.25
N LYS A 55 -14.44 -11.27 10.77
CA LYS A 55 -13.07 -11.39 11.25
C LYS A 55 -12.32 -12.08 10.14
N VAL A 56 -11.42 -11.39 9.48
CA VAL A 56 -10.76 -11.87 8.27
C VAL A 56 -9.25 -11.75 8.39
N ALA A 57 -8.54 -12.83 8.05
CA ALA A 57 -7.08 -12.88 8.01
C ALA A 57 -6.72 -13.77 6.82
N CYS A 58 -6.90 -13.23 5.62
CA CYS A 58 -6.76 -13.99 4.40
C CYS A 58 -5.45 -13.78 3.69
N GLU A 59 -4.58 -14.76 3.69
CA GLU A 59 -3.34 -14.69 2.93
C GLU A 59 -3.55 -15.32 1.56
N THR A 60 -2.88 -14.80 0.55
CA THR A 60 -2.94 -15.37 -0.80
C THR A 60 -1.52 -15.69 -1.25
N VAL A 61 -1.38 -16.82 -1.94
CA VAL A 61 -0.14 -17.24 -2.58
C VAL A 61 -0.45 -17.44 -4.06
N ALA A 62 0.43 -16.98 -4.91
CA ALA A 62 0.27 -17.13 -6.34
C ALA A 62 1.50 -17.72 -6.97
N LYS A 63 1.33 -18.75 -7.77
CA LYS A 63 2.43 -19.31 -8.55
C LYS A 63 1.80 -19.79 -9.86
N THR A 64 2.59 -20.24 -10.83
CA THR A 64 2.06 -20.68 -12.14
C THR A 64 0.75 -21.45 -12.01
N GLY A 65 -0.31 -20.88 -12.56
CA GLY A 65 -1.61 -21.51 -12.57
C GLY A 65 -2.34 -21.63 -11.27
N MET A 66 -1.86 -21.01 -10.18
CA MET A 66 -2.46 -21.24 -8.88
C MET A 66 -2.66 -19.98 -8.10
N ILE A 67 -3.86 -19.87 -7.51
CA ILE A 67 -4.14 -18.95 -6.42
C ILE A 67 -4.52 -19.81 -5.24
N LEU A 68 -3.80 -19.71 -4.13
CA LEU A 68 -4.16 -20.41 -2.91
C LEU A 68 -4.54 -19.38 -1.85
N LEU A 69 -5.69 -19.56 -1.20
CA LEU A 69 -6.12 -18.75 -0.06
C LEU A 69 -5.83 -19.53 1.22
N ALA A 70 -5.10 -18.97 2.16
CA ALA A 70 -4.78 -19.65 3.42
C ALA A 70 -4.99 -18.66 4.55
N GLY A 71 -5.66 -19.08 5.60
CA GLY A 71 -5.91 -18.18 6.70
C GLY A 71 -7.16 -18.51 7.44
N GLU A 72 -7.66 -17.47 8.11
CA GLU A 72 -8.73 -17.60 9.06
C GLU A 72 -9.80 -16.55 8.87
N ILE A 73 -11.02 -17.02 8.73
CA ILE A 73 -12.17 -16.15 8.55
C ILE A 73 -13.33 -16.64 9.38
N THR A 74 -13.90 -15.79 10.23
CA THR A 74 -15.15 -16.06 10.95
C THR A 74 -16.13 -14.99 10.53
N SER A 75 -17.18 -15.38 9.82
CA SER A 75 -18.08 -14.43 9.22
C SER A 75 -19.44 -15.06 8.98
N ARG A 76 -20.47 -14.20 8.97
CA ARG A 76 -21.82 -14.65 8.63
C ARG A 76 -22.07 -14.59 7.10
N ALA A 77 -21.10 -14.04 6.33
CA ALA A 77 -21.26 -13.91 4.88
C ALA A 77 -21.20 -15.28 4.19
N ALA A 78 -21.83 -15.39 3.04
CA ALA A 78 -21.73 -16.58 2.18
C ALA A 78 -20.96 -16.08 0.95
N VAL A 79 -19.68 -16.41 0.88
CA VAL A 79 -18.81 -15.88 -0.17
C VAL A 79 -18.39 -16.98 -1.12
N ASP A 80 -18.50 -16.71 -2.41
CA ASP A 80 -18.08 -17.63 -3.46
C ASP A 80 -16.63 -17.26 -3.78
N TYR A 81 -15.67 -17.96 -3.13
CA TYR A 81 -14.24 -17.69 -3.32
C TYR A 81 -13.78 -17.85 -4.74
N GLN A 82 -14.31 -18.83 -5.49
CA GLN A 82 -13.93 -19.04 -6.88
C GLN A 82 -14.26 -17.79 -7.68
N LYS A 83 -15.46 -17.25 -7.52
CA LYS A 83 -15.89 -16.07 -8.24
C LYS A 83 -15.11 -14.82 -7.83
N VAL A 84 -14.95 -14.60 -6.52
CA VAL A 84 -14.25 -13.42 -6.03
C VAL A 84 -12.80 -13.38 -6.52
N VAL A 85 -12.10 -14.51 -6.39
CA VAL A 85 -10.72 -14.60 -6.85
C VAL A 85 -10.60 -14.37 -8.34
N ARG A 86 -11.41 -15.06 -9.14
CA ARG A 86 -11.31 -14.95 -10.59
C ARG A 86 -11.66 -13.56 -11.08
N GLU A 87 -12.62 -12.91 -10.45
CA GLU A 87 -12.99 -11.55 -10.84
C GLU A 87 -11.87 -10.56 -10.54
N ALA A 88 -11.12 -10.77 -9.45
CA ALA A 88 -9.99 -9.89 -9.13
C ALA A 88 -8.87 -10.08 -10.17
N VAL A 89 -8.62 -11.33 -10.56
CA VAL A 89 -7.58 -11.61 -11.56
C VAL A 89 -7.98 -11.05 -12.94
N LYS A 90 -9.26 -11.13 -13.28
CA LYS A 90 -9.77 -10.56 -14.52
C LYS A 90 -9.56 -9.04 -14.54
N HIS A 91 -9.85 -8.37 -13.44
CA HIS A 91 -9.64 -6.92 -13.33
C HIS A 91 -8.18 -6.54 -13.59
N ILE A 92 -7.26 -7.32 -13.04
CA ILE A 92 -5.83 -7.09 -13.18
C ILE A 92 -5.38 -7.22 -14.63
N GLY A 93 -6.02 -8.10 -15.40
CA GLY A 93 -5.70 -8.23 -16.81
C GLY A 93 -5.13 -9.56 -17.22
N TYR A 94 -5.06 -10.55 -16.30
CA TYR A 94 -4.56 -11.88 -16.67
C TYR A 94 -5.71 -12.75 -17.17
N ASP A 95 -5.93 -12.72 -18.48
CA ASP A 95 -7.10 -13.34 -19.09
C ASP A 95 -6.76 -14.23 -20.27
N ASP A 96 -5.55 -14.74 -20.37
CA ASP A 96 -5.18 -15.61 -21.48
C ASP A 96 -3.89 -16.31 -21.17
N SER A 97 -3.78 -17.57 -21.59
CA SER A 97 -2.57 -18.33 -21.35
C SER A 97 -1.34 -17.71 -22.05
N SER A 98 -1.54 -16.93 -23.13
CA SER A 98 -0.41 -16.24 -23.78
C SER A 98 0.25 -15.23 -22.85
N LYS A 99 -0.50 -14.69 -21.87
CA LYS A 99 0.01 -13.73 -20.91
C LYS A 99 0.66 -14.38 -19.70
N GLY A 100 0.56 -15.71 -19.60
CA GLY A 100 1.14 -16.49 -18.52
C GLY A 100 0.19 -16.83 -17.40
N PHE A 101 -1.04 -16.33 -17.44
CA PHE A 101 -1.99 -16.55 -16.36
C PHE A 101 -3.38 -16.19 -16.89
N ASP A 102 -4.40 -16.96 -16.51
CA ASP A 102 -5.74 -16.72 -16.98
C ASP A 102 -6.74 -16.96 -15.86
N TYR A 103 -7.54 -15.94 -15.51
CA TYR A 103 -8.55 -16.07 -14.47
C TYR A 103 -9.58 -17.15 -14.79
N LYS A 104 -9.83 -17.42 -16.08
CA LYS A 104 -10.86 -18.40 -16.43
C LYS A 104 -10.43 -19.82 -16.12
N THR A 105 -9.14 -20.10 -16.21
CA THR A 105 -8.66 -21.48 -16.18
C THR A 105 -7.63 -21.79 -15.12
N CYS A 106 -7.26 -20.84 -14.27
CA CYS A 106 -6.30 -21.10 -13.20
C CYS A 106 -6.96 -21.95 -12.10
N ASN A 107 -6.11 -22.53 -11.27
CA ASN A 107 -6.55 -23.30 -10.11
C ASN A 107 -6.75 -22.32 -8.97
N VAL A 108 -7.86 -22.44 -8.25
CA VAL A 108 -8.13 -21.67 -7.03
C VAL A 108 -8.35 -22.69 -5.92
N LEU A 109 -7.42 -22.71 -4.98
CA LEU A 109 -7.41 -23.63 -3.85
C LEU A 109 -7.71 -22.86 -2.56
N VAL A 110 -8.53 -23.42 -1.67
CA VAL A 110 -8.91 -22.73 -0.45
C VAL A 110 -8.56 -23.53 0.80
N ALA A 111 -7.75 -22.96 1.70
CA ALA A 111 -7.37 -23.56 2.97
C ALA A 111 -7.72 -22.54 4.06
N LEU A 112 -9.00 -22.25 4.20
CA LEU A 112 -9.48 -21.25 5.16
C LEU A 112 -10.21 -21.95 6.27
N GLU A 113 -9.88 -21.59 7.50
CA GLU A 113 -10.53 -22.11 8.67
C GLU A 113 -11.13 -20.96 9.47
N GLN A 114 -11.87 -21.24 10.53
CA GLN A 114 -12.40 -20.20 11.40
C GLN A 114 -11.22 -19.53 12.12
N GLN A 115 -11.45 -18.31 12.61
CA GLN A 115 -10.50 -17.67 13.50
C GLN A 115 -10.35 -18.53 14.76
N SER A 116 -9.11 -18.66 15.24
CA SER A 116 -8.84 -19.39 16.48
C SER A 116 -9.74 -18.89 17.61
N PRO A 117 -10.48 -19.79 18.27
CA PRO A 117 -11.32 -19.37 19.38
C PRO A 117 -10.50 -18.73 20.52
N ASP A 118 -9.21 -19.12 20.65
CA ASP A 118 -8.35 -18.53 21.70
C ASP A 118 -8.08 -17.06 21.38
N ILE A 119 -7.90 -16.72 20.10
CA ILE A 119 -7.72 -15.32 19.72
C ILE A 119 -9.04 -14.60 19.91
N ALA A 120 -10.15 -15.19 19.44
CA ALA A 120 -11.45 -14.53 19.54
C ALA A 120 -11.81 -14.18 20.99
N GLN A 121 -11.60 -15.11 21.92
CA GLN A 121 -11.93 -14.84 23.32
C GLN A 121 -11.05 -13.76 23.94
N GLY A 122 -9.82 -13.66 23.49
CA GLY A 122 -8.88 -12.69 24.05
C GLY A 122 -8.97 -11.32 23.44
N VAL A 123 -9.58 -11.22 22.27
CA VAL A 123 -9.64 -9.96 21.55
C VAL A 123 -11.01 -9.28 21.54
N HIS A 124 -12.08 -10.02 21.20
CA HIS A 124 -13.34 -9.33 20.92
C HIS A 124 -14.57 -9.98 21.51
N LEU A 125 -14.51 -11.26 21.87
CA LEU A 125 -15.70 -11.91 22.42
C LEU A 125 -16.18 -11.27 23.71
N ASP A 126 -17.47 -10.92 23.74
CA ASP A 126 -18.10 -10.29 24.90
C ASP A 126 -17.45 -8.96 25.29
N ARG A 127 -16.92 -8.24 24.31
CA ARG A 127 -16.34 -6.95 24.55
C ARG A 127 -17.14 -5.88 23.89
N ASN A 128 -17.28 -4.75 24.58
CA ASN A 128 -17.91 -3.55 24.02
C ASN A 128 -17.04 -3.12 22.81
N GLU A 129 -17.66 -2.74 21.72
CA GLU A 129 -16.86 -2.41 20.52
C GLU A 129 -15.74 -1.40 20.75
N GLU A 130 -16.03 -0.29 21.44
CA GLU A 130 -14.98 0.70 21.70
C GLU A 130 -13.82 0.13 22.49
N ASP A 131 -14.09 -0.92 23.29
CA ASP A 131 -13.11 -1.55 24.17
C ASP A 131 -12.61 -2.88 23.69
N ILE A 132 -12.76 -3.17 22.38
CA ILE A 132 -12.17 -4.40 21.84
C ILE A 132 -10.64 -4.30 21.96
N GLY A 133 -10.02 -5.44 22.18
CA GLY A 133 -8.57 -5.47 22.28
C GLY A 133 -7.95 -5.40 20.91
N ALA A 134 -6.68 -4.97 20.86
CA ALA A 134 -5.90 -5.11 19.63
C ALA A 134 -5.87 -6.59 19.22
N GLY A 135 -6.00 -6.85 17.92
CA GLY A 135 -6.04 -8.21 17.41
C GLY A 135 -4.71 -8.94 17.47
N ASP A 136 -3.63 -8.22 17.76
CA ASP A 136 -2.31 -8.77 17.89
C ASP A 136 -1.45 -7.71 18.58
N GLN A 137 -0.26 -8.08 19.05
CA GLN A 137 0.73 -7.09 19.44
C GLN A 137 1.33 -6.52 18.13
N GLY A 138 2.16 -5.50 18.25
CA GLY A 138 2.92 -4.98 17.13
C GLY A 138 3.19 -3.50 17.26
N LEU A 139 4.00 -3.03 16.35
CA LEU A 139 4.35 -1.62 16.25
C LEU A 139 4.01 -1.14 14.86
N MET A 140 3.62 0.13 14.76
CA MET A 140 3.18 0.71 13.49
C MET A 140 3.65 2.15 13.43
N PHE A 141 3.94 2.63 12.23
CA PHE A 141 4.34 4.02 12.07
C PHE A 141 3.47 4.73 11.06
N GLY A 142 3.35 6.03 11.24
CA GLY A 142 2.70 6.96 10.33
C GLY A 142 3.74 8.00 9.93
N TYR A 143 3.67 8.50 8.70
CA TYR A 143 4.63 9.49 8.23
C TYR A 143 3.92 10.47 7.33
N ALA A 144 4.40 11.72 7.32
CA ALA A 144 3.90 12.73 6.39
C ALA A 144 5.02 13.73 6.12
N THR A 145 5.05 14.26 4.89
CA THR A 145 6.06 15.20 4.46
C THR A 145 5.38 16.24 3.61
N ASP A 146 5.73 17.51 3.78
CA ASP A 146 5.12 18.60 3.01
C ASP A 146 5.72 18.76 1.61
N GLU A 147 6.58 17.86 1.17
CA GLU A 147 7.23 18.01 -0.14
C GLU A 147 6.26 17.87 -1.29
N THR A 148 5.08 17.26 -1.10
CA THR A 148 4.01 17.16 -2.09
C THR A 148 2.69 17.57 -1.41
N GLU A 149 1.68 17.97 -2.21
CA GLU A 149 0.39 18.34 -1.66
C GLU A 149 -0.24 17.19 -0.89
N GLU A 150 -0.10 15.99 -1.43
CA GLU A 150 -0.64 14.79 -0.77
C GLU A 150 0.19 14.31 0.42
N CYS A 151 1.23 15.03 0.78
CA CYS A 151 2.05 14.78 1.95
C CYS A 151 2.80 13.45 1.90
N MET A 152 3.26 13.10 0.69
CA MET A 152 4.01 11.87 0.46
C MET A 152 5.37 12.17 -0.17
N PRO A 153 6.35 11.28 0.03
CA PRO A 153 7.65 11.48 -0.65
C PRO A 153 7.49 11.45 -2.17
N LEU A 154 8.22 12.36 -2.85
CA LEU A 154 8.16 12.40 -4.32
C LEU A 154 8.64 11.10 -4.95
N THR A 155 9.69 10.45 -4.38
CA THR A 155 10.19 9.20 -4.95
C THR A 155 9.12 8.15 -5.13
N ILE A 156 8.31 7.94 -4.09
CA ILE A 156 7.30 6.89 -4.15
C ILE A 156 6.09 7.32 -4.97
N VAL A 157 5.73 8.61 -4.95
CA VAL A 157 4.61 9.10 -5.75
C VAL A 157 4.93 8.87 -7.24
N LEU A 158 6.13 9.26 -7.67
CA LEU A 158 6.54 9.07 -9.07
C LEU A 158 6.59 7.62 -9.44
N ALA A 159 7.17 6.77 -8.56
CA ALA A 159 7.24 5.35 -8.86
C ALA A 159 5.83 4.73 -9.04
N HIS A 160 4.86 5.08 -8.17
CA HIS A 160 3.49 4.58 -8.33
C HIS A 160 2.88 5.08 -9.64
N LYS A 161 3.06 6.37 -9.94
CA LYS A 161 2.43 6.93 -11.15
C LYS A 161 3.00 6.30 -12.43
N LEU A 162 4.25 5.88 -12.43
CA LEU A 162 4.83 5.21 -13.60
C LEU A 162 4.13 3.86 -13.82
N ASN A 163 3.88 3.09 -12.73
CA ASN A 163 3.13 1.85 -12.87
C ASN A 163 1.69 2.10 -13.32
N ALA A 164 1.03 3.13 -12.76
CA ALA A 164 -0.34 3.44 -13.16
C ALA A 164 -0.41 3.83 -14.63
N LYS A 165 0.61 4.51 -15.13
CA LYS A 165 0.67 4.91 -16.53
C LYS A 165 0.81 3.70 -17.45
N LEU A 166 1.62 2.72 -17.05
CA LEU A 166 1.76 1.48 -17.81
C LEU A 166 0.41 0.76 -17.89
N ALA A 167 -0.32 0.68 -16.78
CA ALA A 167 -1.63 0.03 -16.80
C ALA A 167 -2.64 0.78 -17.64
N GLU A 168 -2.57 2.12 -17.66
CA GLU A 168 -3.48 2.93 -18.45
C GLU A 168 -3.25 2.65 -19.92
N LEU A 169 -2.00 2.65 -20.37
CA LEU A 169 -1.63 2.44 -21.77
C LEU A 169 -1.87 1.00 -22.25
N ARG A 170 -1.80 0.05 -21.32
CA ARG A 170 -2.14 -1.32 -21.62
C ARG A 170 -3.67 -1.38 -21.83
N ARG A 171 -4.43 -0.86 -20.87
CA ARG A 171 -5.89 -0.94 -20.92
C ARG A 171 -6.53 -0.17 -22.06
N ASN A 172 -5.92 0.96 -22.47
CA ASN A 172 -6.50 1.73 -23.58
C ASN A 172 -5.98 1.27 -24.95
N GLY A 173 -5.11 0.26 -25.00
CA GLY A 173 -4.63 -0.27 -26.26
C GLY A 173 -3.56 0.52 -26.97
N THR A 174 -3.01 1.59 -26.31
CA THR A 174 -1.92 2.41 -26.88
C THR A 174 -0.66 1.54 -27.07
N LEU A 175 -0.34 0.72 -26.05
CA LEU A 175 0.85 -0.16 -26.09
C LEU A 175 0.34 -1.57 -25.84
N PRO A 176 -0.21 -2.21 -26.88
CA PRO A 176 -0.86 -3.51 -26.69
C PRO A 176 0.09 -4.66 -26.35
N TRP A 177 1.39 -4.46 -26.51
CA TRP A 177 2.39 -5.45 -26.11
C TRP A 177 2.61 -5.49 -24.59
N LEU A 178 2.08 -4.55 -23.83
CA LEU A 178 2.27 -4.55 -22.38
C LEU A 178 1.45 -5.62 -21.73
N ARG A 179 2.03 -6.20 -20.67
N ARG A 179 2.02 -6.17 -20.67
CA ARG A 179 1.36 -7.18 -19.82
CA ARG A 179 1.33 -7.14 -19.84
C ARG A 179 1.22 -6.56 -18.41
C ARG A 179 1.24 -6.58 -18.40
N PRO A 180 0.42 -7.17 -17.50
CA PRO A 180 0.18 -6.52 -16.20
C PRO A 180 1.34 -6.44 -15.19
N ASP A 181 2.35 -7.29 -15.28
CA ASP A 181 3.44 -7.32 -14.30
C ASP A 181 4.47 -6.23 -14.59
N SER A 182 4.70 -5.34 -13.64
CA SER A 182 5.67 -4.26 -13.85
C SER A 182 6.31 -3.86 -12.51
N LYS A 183 7.47 -3.27 -12.60
CA LYS A 183 8.16 -2.69 -11.46
C LYS A 183 8.80 -1.38 -11.93
N THR A 184 8.88 -0.40 -11.02
CA THR A 184 9.54 0.87 -11.33
C THR A 184 10.39 1.27 -10.14
N GLN A 185 11.34 2.17 -10.37
CA GLN A 185 12.19 2.62 -9.27
C GLN A 185 12.66 4.02 -9.62
N VAL A 186 12.59 4.93 -8.64
CA VAL A 186 12.96 6.32 -8.86
C VAL A 186 13.93 6.79 -7.80
N THR A 187 15.04 7.35 -8.23
CA THR A 187 16.04 7.95 -7.35
C THR A 187 15.95 9.45 -7.55
N VAL A 188 15.74 10.21 -6.47
CA VAL A 188 15.68 11.66 -6.53
C VAL A 188 16.83 12.23 -5.72
N GLN A 189 17.39 13.32 -6.24
CA GLN A 189 18.38 14.09 -5.52
C GLN A 189 17.62 15.17 -4.78
N TYR A 190 17.82 15.24 -3.47
CA TYR A 190 17.15 16.16 -2.56
C TYR A 190 18.12 17.15 -1.94
N MET A 191 17.58 18.30 -1.51
CA MET A 191 18.32 19.24 -0.68
C MET A 191 17.70 19.20 0.73
N GLN A 192 18.53 19.25 1.76
CA GLN A 192 18.05 19.35 3.14
C GLN A 192 17.63 20.80 3.41
N ASP A 193 16.52 21.01 4.10
CA ASP A 193 16.00 22.34 4.40
C ASP A 193 15.41 22.39 5.82
N ARG A 194 16.26 22.61 6.83
CA ARG A 194 15.87 22.70 8.23
C ARG A 194 15.00 21.51 8.68
N GLY A 195 15.46 20.30 8.36
CA GLY A 195 14.75 19.09 8.72
C GLY A 195 13.80 18.61 7.64
N ALA A 196 13.30 19.53 6.81
CA ALA A 196 12.43 19.15 5.71
C ALA A 196 13.30 18.78 4.49
N VAL A 197 12.70 18.19 3.45
CA VAL A 197 13.46 17.81 2.26
C VAL A 197 12.84 18.43 1.03
N LEU A 198 13.69 18.86 0.10
CA LEU A 198 13.25 19.52 -1.12
C LEU A 198 13.77 18.77 -2.32
N PRO A 199 12.88 18.20 -3.16
CA PRO A 199 13.35 17.50 -4.35
C PRO A 199 14.01 18.47 -5.33
N ILE A 200 15.13 18.08 -5.92
CA ILE A 200 15.86 18.88 -6.89
C ILE A 200 15.70 18.30 -8.30
N ARG A 201 16.00 17.02 -8.47
CA ARG A 201 15.98 16.38 -9.78
C ARG A 201 15.91 14.88 -9.65
N VAL A 202 15.48 14.23 -10.73
CA VAL A 202 15.43 12.78 -10.82
C VAL A 202 16.80 12.34 -11.32
N HIS A 203 17.49 11.53 -10.54
CA HIS A 203 18.81 11.02 -10.81
C HIS A 203 18.76 9.76 -11.67
N THR A 204 17.88 8.81 -11.33
CA THR A 204 17.77 7.54 -12.05
C THR A 204 16.36 7.06 -12.07
N ILE A 205 15.93 6.46 -13.20
CA ILE A 205 14.64 5.77 -13.28
C ILE A 205 14.86 4.38 -13.82
N VAL A 206 14.23 3.40 -13.19
CA VAL A 206 14.21 2.03 -13.70
C VAL A 206 12.77 1.72 -14.05
N ILE A 207 12.55 1.05 -15.19
CA ILE A 207 11.25 0.46 -15.50
C ILE A 207 11.44 -0.90 -16.09
N SER A 208 10.78 -1.90 -15.52
CA SER A 208 10.75 -3.26 -16.08
C SER A 208 9.30 -3.66 -16.23
N VAL A 209 8.89 -4.13 -17.42
CA VAL A 209 7.49 -4.52 -17.60
C VAL A 209 7.38 -5.71 -18.51
N GLN A 210 6.51 -6.65 -18.13
CA GLN A 210 6.27 -7.85 -18.91
C GLN A 210 5.67 -7.46 -20.26
N HIS A 211 6.10 -8.18 -21.30
CA HIS A 211 5.72 -7.83 -22.66
C HIS A 211 5.50 -9.07 -23.53
N ASP A 212 4.86 -8.85 -24.68
CA ASP A 212 4.61 -9.95 -25.62
C ASP A 212 5.87 -10.35 -26.40
N GLU A 213 5.78 -11.46 -27.13
CA GLU A 213 6.89 -12.03 -27.89
C GLU A 213 7.25 -11.27 -29.16
N GLU A 214 6.38 -10.38 -29.63
CA GLU A 214 6.57 -9.72 -30.90
C GLU A 214 7.30 -8.38 -30.85
N VAL A 215 7.16 -7.62 -29.76
CA VAL A 215 7.75 -6.29 -29.68
C VAL A 215 9.26 -6.38 -29.45
N CYS A 216 10.03 -5.50 -30.09
CA CYS A 216 11.48 -5.53 -29.88
C CYS A 216 11.90 -4.58 -28.75
N LEU A 217 13.06 -4.83 -28.23
CA LEU A 217 13.63 -4.06 -27.17
C LEU A 217 13.71 -2.54 -27.44
N ASP A 218 14.18 -2.13 -28.62
CA ASP A 218 14.28 -0.70 -28.91
C ASP A 218 12.92 -0.01 -28.97
N GLU A 219 11.91 -0.70 -29.49
CA GLU A 219 10.55 -0.13 -29.51
C GLU A 219 10.06 0.05 -28.06
N MET A 220 10.34 -0.93 -27.20
CA MET A 220 9.90 -0.82 -25.81
C MET A 220 10.64 0.34 -25.11
N ARG A 221 11.96 0.44 -25.28
CA ARG A 221 12.72 1.48 -24.57
C ARG A 221 12.30 2.87 -25.02
N ASP A 222 12.04 3.04 -26.31
CA ASP A 222 11.57 4.31 -26.83
C ASP A 222 10.18 4.65 -26.23
N ALA A 223 9.26 3.68 -26.23
CA ALA A 223 7.92 3.92 -25.68
C ALA A 223 7.95 4.22 -24.18
N LEU A 224 8.82 3.53 -23.44
CA LEU A 224 8.90 3.77 -21.99
C LEU A 224 9.39 5.18 -21.70
N LYS A 225 10.31 5.70 -22.52
CA LYS A 225 10.82 7.02 -22.28
C LYS A 225 9.79 8.07 -22.73
N GLU A 226 9.27 7.93 -23.96
CA GLU A 226 8.40 8.95 -24.53
C GLU A 226 6.96 8.92 -24.04
N LYS A 227 6.39 7.74 -23.90
CA LYS A 227 4.97 7.61 -23.56
C LYS A 227 4.69 7.36 -22.10
N VAL A 228 5.72 6.94 -21.34
CA VAL A 228 5.53 6.66 -19.93
C VAL A 228 6.26 7.70 -19.08
N ILE A 229 7.59 7.73 -19.11
CA ILE A 229 8.34 8.69 -18.28
C ILE A 229 7.94 10.14 -18.57
N LYS A 230 7.93 10.53 -19.85
CA LYS A 230 7.60 11.92 -20.17
C LYS A 230 6.16 12.27 -19.86
N ALA A 231 5.26 11.30 -19.86
CA ALA A 231 3.86 11.54 -19.50
C ALA A 231 3.61 11.60 -17.99
N VAL A 232 4.62 11.29 -17.17
CA VAL A 232 4.45 11.25 -15.72
C VAL A 232 5.36 12.22 -14.99
N VAL A 233 6.65 12.24 -15.32
CA VAL A 233 7.63 13.00 -14.55
C VAL A 233 7.78 14.37 -15.18
N PRO A 234 7.58 15.44 -14.41
CA PRO A 234 7.79 16.80 -14.97
C PRO A 234 9.18 16.99 -15.55
N ALA A 235 9.27 17.62 -16.72
CA ALA A 235 10.52 17.84 -17.43
C ALA A 235 11.54 18.57 -16.57
N LYS A 236 11.08 19.45 -15.66
CA LYS A 236 11.99 20.20 -14.81
C LYS A 236 12.87 19.31 -13.93
N TYR A 237 12.45 18.05 -13.70
CA TYR A 237 13.24 17.11 -12.91
C TYR A 237 14.21 16.28 -13.74
N LEU A 238 14.06 16.28 -15.07
CA LEU A 238 14.87 15.44 -15.93
C LEU A 238 15.90 16.26 -16.66
N ASP A 239 17.13 15.78 -16.73
CA ASP A 239 18.17 16.54 -17.41
C ASP A 239 19.15 15.61 -18.15
N GLU A 240 20.22 16.18 -18.71
CA GLU A 240 21.19 15.39 -19.47
C GLU A 240 21.89 14.32 -18.66
N ASP A 241 21.93 14.46 -17.34
CA ASP A 241 22.60 13.49 -16.50
C ASP A 241 21.68 12.38 -15.97
N THR A 242 20.35 12.51 -16.15
CA THR A 242 19.42 11.50 -15.63
C THR A 242 19.72 10.14 -16.27
N ILE A 243 19.80 9.10 -15.46
CA ILE A 243 20.11 7.77 -15.93
C ILE A 243 18.83 7.00 -16.09
N TYR A 244 18.69 6.32 -17.22
CA TYR A 244 17.52 5.51 -17.51
C TYR A 244 17.91 4.04 -17.66
N HIS A 245 17.24 3.19 -16.90
CA HIS A 245 17.41 1.74 -17.02
C HIS A 245 16.04 1.21 -17.42
N LEU A 246 15.82 1.09 -18.73
CA LEU A 246 14.51 0.70 -19.28
C LEU A 246 14.59 -0.68 -19.84
N GLN A 247 13.75 -1.60 -19.35
CA GLN A 247 13.89 -3.02 -19.66
C GLN A 247 15.33 -3.53 -19.46
N PRO A 248 15.97 -3.21 -18.31
CA PRO A 248 17.38 -3.56 -18.14
C PRO A 248 17.72 -5.05 -18.19
N SER A 249 16.73 -5.94 -17.96
CA SER A 249 17.03 -7.37 -18.08
C SER A 249 17.13 -7.80 -19.56
N GLY A 250 16.61 -6.98 -20.48
CA GLY A 250 16.63 -7.29 -21.90
C GLY A 250 15.48 -8.13 -22.42
N ARG A 251 14.78 -8.86 -21.55
CA ARG A 251 13.68 -9.73 -21.97
C ARG A 251 12.85 -10.05 -20.76
N PHE A 252 11.54 -9.86 -20.89
CA PHE A 252 10.58 -10.08 -19.80
C PHE A 252 9.26 -10.55 -20.40
N VAL A 253 9.31 -11.71 -21.06
CA VAL A 253 8.10 -12.29 -21.66
C VAL A 253 7.38 -13.13 -20.61
N ILE A 254 8.13 -13.96 -19.88
CA ILE A 254 7.59 -14.73 -18.76
C ILE A 254 7.42 -13.75 -17.60
N GLY A 255 6.24 -13.70 -17.02
CA GLY A 255 5.96 -12.78 -15.92
C GLY A 255 4.76 -13.22 -15.14
N GLY A 256 4.32 -12.34 -14.25
CA GLY A 256 3.24 -12.67 -13.32
C GLY A 256 3.69 -13.83 -12.44
N PRO A 257 2.72 -14.59 -11.87
CA PRO A 257 3.09 -15.72 -10.98
C PRO A 257 3.96 -16.78 -11.63
N GLN A 258 3.93 -16.91 -12.97
CA GLN A 258 4.79 -17.86 -13.65
C GLN A 258 6.26 -17.50 -13.52
N GLY A 259 6.58 -16.20 -13.53
CA GLY A 259 7.96 -15.77 -13.39
C GLY A 259 8.49 -15.70 -11.97
N ASP A 260 7.59 -15.58 -10.98
CA ASP A 260 7.99 -15.35 -9.59
C ASP A 260 6.81 -15.58 -8.68
N ALA A 261 6.96 -16.45 -7.66
CA ALA A 261 5.87 -16.69 -6.72
C ALA A 261 5.53 -15.42 -5.94
N GLY A 262 4.24 -15.13 -5.80
CA GLY A 262 3.77 -13.98 -5.06
C GLY A 262 3.10 -14.39 -3.77
N LEU A 263 3.17 -13.50 -2.78
CA LEU A 263 2.55 -13.72 -1.49
C LEU A 263 1.94 -12.43 -0.99
N THR A 264 0.86 -12.51 -0.22
CA THR A 264 0.30 -11.31 0.42
C THR A 264 1.33 -10.72 1.42
N GLY A 265 1.43 -9.39 1.46
CA GLY A 265 2.24 -8.70 2.47
C GLY A 265 3.73 -8.75 2.23
N ARG A 266 4.13 -8.87 0.98
CA ARG A 266 5.51 -8.86 0.54
C ARG A 266 5.91 -7.55 -0.16
N LYS A 267 5.03 -6.55 -0.13
CA LYS A 267 5.32 -5.25 -0.72
C LYS A 267 4.95 -4.16 0.30
N ILE A 268 5.34 -4.34 1.56
CA ILE A 268 4.87 -3.44 2.63
C ILE A 268 5.48 -2.05 2.58
N ILE A 269 6.65 -1.92 1.91
CA ILE A 269 7.35 -0.63 1.77
C ILE A 269 6.76 0.13 0.58
N VAL A 270 6.42 -0.60 -0.51
CA VAL A 270 5.67 -0.04 -1.62
C VAL A 270 4.30 0.42 -1.13
N ASP A 271 3.67 -0.32 -0.20
CA ASP A 271 2.35 0.03 0.30
C ASP A 271 2.31 1.29 1.14
N THR A 272 3.46 1.72 1.66
CA THR A 272 3.54 2.79 2.64
C THR A 272 4.32 3.99 2.10
N TYR A 273 5.59 4.16 2.45
CA TYR A 273 6.31 5.39 2.15
C TYR A 273 7.54 5.21 1.31
N GLY A 274 7.71 4.04 0.70
CA GLY A 274 8.87 3.85 -0.18
C GLY A 274 10.21 3.93 0.53
N GLY A 275 10.23 3.60 1.83
CA GLY A 275 11.49 3.59 2.55
C GLY A 275 11.63 4.77 3.49
N TRP A 276 10.91 5.87 3.20
CA TRP A 276 10.90 7.02 4.08
C TRP A 276 10.13 6.70 5.37
N GLY A 277 10.24 7.55 6.38
CA GLY A 277 9.53 7.34 7.64
C GLY A 277 10.09 6.10 8.31
N ALA A 278 9.21 5.12 8.56
CA ALA A 278 9.60 3.86 9.21
C ALA A 278 8.48 2.86 9.05
N HIS A 279 8.78 1.58 9.31
CA HIS A 279 7.76 0.55 9.17
C HIS A 279 7.90 -0.45 10.33
N GLY A 280 6.76 -0.90 10.85
CA GLY A 280 6.73 -1.86 11.96
C GLY A 280 6.70 -3.32 11.54
N GLY A 281 6.54 -3.60 10.25
CA GLY A 281 6.60 -4.96 9.72
C GLY A 281 5.30 -5.60 9.34
N GLY A 282 4.20 -5.05 9.80
CA GLY A 282 2.89 -5.65 9.54
C GLY A 282 2.34 -5.36 8.17
N ALA A 283 1.77 -6.36 7.56
CA ALA A 283 1.12 -6.26 6.24
C ALA A 283 -0.29 -5.74 6.41
N PHE A 284 -0.84 -5.12 5.38
CA PHE A 284 -2.19 -4.58 5.45
C PHE A 284 -3.28 -5.46 4.87
N SER A 285 -3.03 -6.06 3.71
CA SER A 285 -4.11 -6.70 2.95
C SER A 285 -4.65 -7.97 3.56
N GLY A 286 -5.94 -8.18 3.38
CA GLY A 286 -6.60 -9.39 3.89
C GLY A 286 -7.01 -9.35 5.35
N LYS A 287 -6.94 -8.17 5.99
CA LYS A 287 -7.22 -8.04 7.41
C LYS A 287 -8.31 -7.05 7.72
N ASP A 288 -9.23 -7.43 8.62
CA ASP A 288 -10.26 -6.53 9.12
C ASP A 288 -9.67 -5.54 10.14
N TYR A 289 -10.49 -4.60 10.58
CA TYR A 289 -10.03 -3.52 11.45
C TYR A 289 -9.43 -3.94 12.77
N THR A 290 -9.83 -5.10 13.29
CA THR A 290 -9.25 -5.50 14.60
C THR A 290 -7.77 -5.83 14.52
N LYS A 291 -7.25 -6.05 13.31
CA LYS A 291 -5.83 -6.27 13.10
C LYS A 291 -5.18 -4.90 13.00
N VAL A 292 -4.58 -4.46 14.11
CA VAL A 292 -3.96 -3.14 14.21
C VAL A 292 -2.81 -2.92 13.27
N ASP A 293 -2.22 -3.99 12.69
CA ASP A 293 -1.20 -3.83 11.64
C ASP A 293 -1.73 -2.89 10.54
N ARG A 294 -3.04 -3.01 10.22
CA ARG A 294 -3.64 -2.15 9.23
C ARG A 294 -4.30 -0.91 9.90
N SER A 295 -5.28 -1.08 10.80
CA SER A 295 -6.01 0.06 11.34
C SER A 295 -5.14 1.06 12.07
N ALA A 296 -4.15 0.61 12.84
CA ALA A 296 -3.30 1.57 13.57
C ALA A 296 -2.30 2.24 12.66
N ALA A 297 -1.86 1.57 11.57
CA ALA A 297 -0.99 2.24 10.60
C ALA A 297 -1.79 3.31 9.85
N TYR A 298 -3.08 3.01 9.52
CA TYR A 298 -3.91 4.00 8.87
C TYR A 298 -4.14 5.20 9.83
N ALA A 299 -4.43 4.92 11.10
CA ALA A 299 -4.63 5.99 12.07
C ALA A 299 -3.34 6.79 12.27
N ALA A 300 -2.17 6.13 12.28
CA ALA A 300 -0.91 6.86 12.44
C ALA A 300 -0.62 7.76 11.25
N ARG A 301 -0.97 7.30 10.05
CA ARG A 301 -0.85 8.16 8.86
C ARG A 301 -1.80 9.38 8.99
N TRP A 302 -3.01 9.15 9.51
CA TRP A 302 -4.00 10.19 9.68
C TRP A 302 -3.50 11.24 10.69
N VAL A 303 -2.86 10.79 11.78
CA VAL A 303 -2.27 11.70 12.76
C VAL A 303 -1.13 12.49 12.11
N ALA A 304 -0.21 11.79 11.42
CA ALA A 304 0.94 12.45 10.80
C ALA A 304 0.53 13.51 9.79
N LYS A 305 -0.44 13.16 8.91
CA LYS A 305 -0.93 14.09 7.93
C LYS A 305 -1.65 15.25 8.58
N SER A 306 -2.38 15.01 9.66
CA SER A 306 -3.05 16.09 10.39
C SER A 306 -2.04 17.07 11.01
N LEU A 307 -0.91 16.57 11.52
CA LEU A 307 0.09 17.45 12.12
C LEU A 307 0.76 18.30 11.04
N VAL A 308 1.00 17.74 9.83
CA VAL A 308 1.61 18.55 8.76
C VAL A 308 0.61 19.53 8.15
N LYS A 309 -0.59 19.06 7.77
CA LYS A 309 -1.61 19.96 7.22
C LYS A 309 -2.10 21.00 8.22
N GLY A 310 -1.98 20.72 9.51
CA GLY A 310 -2.31 21.66 10.56
C GLY A 310 -1.23 22.70 10.83
N GLY A 311 -0.11 22.61 10.12
CA GLY A 311 0.98 23.56 10.23
C GLY A 311 1.87 23.41 11.45
N LEU A 312 1.77 22.27 12.13
CA LEU A 312 2.60 22.05 13.31
C LEU A 312 3.99 21.51 12.95
N CYS A 313 4.11 20.80 11.83
CA CYS A 313 5.41 20.35 11.38
CA CYS A 313 5.33 20.11 11.38
C CYS A 313 5.42 20.28 9.88
N ARG A 314 6.62 20.17 9.32
CA ARG A 314 6.77 20.02 7.88
C ARG A 314 6.95 18.53 7.52
N ARG A 315 7.48 17.74 8.46
CA ARG A 315 7.77 16.32 8.29
C ARG A 315 7.62 15.70 9.65
N VAL A 316 6.96 14.53 9.74
CA VAL A 316 6.73 13.91 11.05
C VAL A 316 6.56 12.42 10.93
N LEU A 317 7.04 11.72 11.95
CA LEU A 317 6.99 10.28 12.11
C LEU A 317 6.26 10.01 13.42
N VAL A 318 5.30 9.08 13.42
CA VAL A 318 4.52 8.69 14.60
C VAL A 318 4.67 7.19 14.79
N GLN A 319 5.05 6.73 15.99
CA GLN A 319 5.07 5.30 16.27
C GLN A 319 4.00 5.05 17.31
N VAL A 320 3.28 3.93 17.15
CA VAL A 320 2.35 3.42 18.15
C VAL A 320 2.66 1.93 18.30
N SER A 321 2.23 1.34 19.40
CA SER A 321 2.37 -0.11 19.60
C SER A 321 1.24 -0.62 20.44
N TYR A 322 1.00 -1.91 20.36
CA TYR A 322 -0.12 -2.56 21.05
C TYR A 322 0.29 -3.91 21.62
N ALA A 323 -0.55 -4.43 22.50
CA ALA A 323 -0.45 -5.82 22.98
C ALA A 323 -1.77 -6.50 22.59
N ILE A 324 -1.72 -7.78 22.18
CA ILE A 324 -2.98 -8.49 21.87
C ILE A 324 -3.93 -8.49 23.09
N GLY A 325 -5.18 -8.15 22.82
CA GLY A 325 -6.21 -8.11 23.84
C GLY A 325 -6.32 -6.83 24.64
N VAL A 326 -5.44 -5.88 24.40
CA VAL A 326 -5.42 -4.61 25.14
C VAL A 326 -5.85 -3.51 24.16
N SER A 327 -6.81 -2.66 24.55
CA SER A 327 -7.33 -1.64 23.66
CA SER A 327 -7.36 -1.61 23.69
C SER A 327 -6.43 -0.42 23.46
N HIS A 328 -5.93 0.19 24.53
CA HIS A 328 -5.08 1.36 24.38
C HIS A 328 -3.69 1.01 23.90
N PRO A 329 -3.08 1.87 23.08
CA PRO A 329 -1.69 1.65 22.70
C PRO A 329 -0.78 1.64 23.92
N LEU A 330 0.25 0.81 23.86
CA LEU A 330 1.26 0.69 24.89
C LEU A 330 2.22 1.87 24.87
N SER A 331 2.49 2.42 23.70
CA SER A 331 3.41 3.53 23.54
C SER A 331 2.96 4.35 22.38
N ILE A 332 3.31 5.64 22.43
CA ILE A 332 3.06 6.59 21.35
C ILE A 332 4.29 7.51 21.31
N SER A 333 4.89 7.70 20.14
CA SER A 333 6.07 8.54 19.99
C SER A 333 5.95 9.37 18.75
N ILE A 334 6.51 10.58 18.80
CA ILE A 334 6.45 11.50 17.68
C ILE A 334 7.81 12.12 17.44
N PHE A 335 8.30 12.06 16.20
CA PHE A 335 9.56 12.65 15.80
C PHE A 335 9.28 13.66 14.69
N HIS A 336 9.66 14.92 14.88
CA HIS A 336 9.38 15.96 13.90
C HIS A 336 10.57 16.38 13.04
N TYR A 337 11.71 15.65 13.14
CA TYR A 337 12.88 15.90 12.29
C TYR A 337 13.45 17.31 12.42
N GLY A 338 13.09 18.03 13.47
CA GLY A 338 13.54 19.42 13.63
C GLY A 338 12.64 20.42 12.92
N THR A 339 11.46 19.98 12.43
CA THR A 339 10.57 20.85 11.65
C THR A 339 9.42 21.46 12.40
N SER A 340 9.39 21.33 13.71
CA SER A 340 8.33 21.90 14.52
C SER A 340 8.93 22.81 15.57
N GLN A 341 8.20 23.84 15.94
CA GLN A 341 8.61 24.69 17.07
C GLN A 341 8.23 23.97 18.40
N LYS A 342 7.26 23.05 18.37
CA LYS A 342 6.83 22.35 19.55
C LYS A 342 7.72 21.16 19.86
N SER A 343 7.84 20.83 21.15
CA SER A 343 8.58 19.64 21.57
C SER A 343 7.78 18.36 21.28
N GLU A 344 8.43 17.18 21.37
CA GLU A 344 7.70 15.91 21.24
C GLU A 344 6.63 15.81 22.35
N ARG A 345 6.95 16.24 23.59
CA ARG A 345 5.97 16.22 24.67
C ARG A 345 4.75 17.06 24.31
N GLU A 346 4.95 18.25 23.73
CA GLU A 346 3.83 19.10 23.34
C GLU A 346 3.01 18.46 22.21
N LEU A 347 3.67 17.88 21.21
CA LEU A 347 2.95 17.24 20.11
C LEU A 347 2.16 16.02 20.60
N LEU A 348 2.74 15.25 21.55
CA LEU A 348 2.03 14.12 22.13
C LEU A 348 0.80 14.54 22.88
N GLU A 349 0.87 15.69 23.58
CA GLU A 349 -0.31 16.21 24.27
C GLU A 349 -1.38 16.61 23.27
N ILE A 350 -0.99 17.25 22.15
CA ILE A 350 -1.95 17.61 21.11
C ILE A 350 -2.60 16.32 20.54
N VAL A 351 -1.80 15.30 20.29
CA VAL A 351 -2.35 14.05 19.76
C VAL A 351 -3.30 13.39 20.76
N LYS A 352 -2.97 13.41 22.07
CA LYS A 352 -3.83 12.84 23.10
C LYS A 352 -5.16 13.57 23.18
N LYS A 353 -5.15 14.89 23.02
CA LYS A 353 -6.39 15.66 23.07
C LYS A 353 -7.26 15.47 21.83
N ASN A 354 -6.67 15.05 20.70
CA ASN A 354 -7.42 15.03 19.45
C ASN A 354 -7.70 13.65 18.88
N PHE A 355 -6.98 12.63 19.32
CA PHE A 355 -7.16 11.29 18.76
C PHE A 355 -7.29 10.23 19.82
N ASP A 356 -8.07 9.21 19.54
CA ASP A 356 -8.24 8.05 20.40
C ASP A 356 -7.80 6.87 19.51
N LEU A 357 -6.67 6.27 19.86
CA LEU A 357 -6.07 5.25 19.03
C LEU A 357 -6.41 3.81 19.47
N ARG A 358 -7.52 3.65 20.19
CA ARG A 358 -8.03 2.31 20.46
C ARG A 358 -8.61 1.78 19.11
N PRO A 359 -8.43 0.52 18.76
CA PRO A 359 -9.00 0.03 17.48
C PRO A 359 -10.50 0.18 17.38
N GLY A 360 -11.21 0.04 18.49
CA GLY A 360 -12.66 0.18 18.52
C GLY A 360 -13.15 1.60 18.39
N VAL A 361 -12.24 2.58 18.42
CA VAL A 361 -12.60 3.97 18.12
C VAL A 361 -12.09 4.32 16.70
N ILE A 362 -10.88 3.88 16.33
CA ILE A 362 -10.34 4.08 14.97
C ILE A 362 -11.33 3.55 13.92
N VAL A 363 -12.01 2.42 14.20
CA VAL A 363 -12.96 1.87 13.23
C VAL A 363 -14.10 2.85 12.95
N ARG A 364 -14.54 3.59 13.97
CA ARG A 364 -15.59 4.59 13.80
C ARG A 364 -15.07 5.82 13.06
N ASP A 365 -13.94 6.36 13.48
CA ASP A 365 -13.37 7.56 12.86
C ASP A 365 -12.99 7.36 11.42
N LEU A 366 -12.47 6.19 11.07
CA LEU A 366 -11.98 5.92 9.72
C LEU A 366 -12.95 5.03 8.91
N ASP A 367 -14.11 4.67 9.46
CA ASP A 367 -15.16 3.90 8.76
C ASP A 367 -14.60 2.59 8.23
N LEU A 368 -13.88 1.86 9.08
CA LEU A 368 -13.13 0.71 8.64
C LEU A 368 -13.92 -0.60 8.44
N LYS A 369 -15.25 -0.58 8.59
CA LYS A 369 -16.06 -1.75 8.20
C LYS A 369 -16.52 -1.58 6.72
N LYS A 370 -16.25 -0.43 6.08
CA LYS A 370 -16.65 -0.24 4.68
C LYS A 370 -15.78 -1.06 3.73
N PRO A 371 -16.42 -1.72 2.74
CA PRO A 371 -15.67 -2.57 1.81
C PRO A 371 -14.94 -1.80 0.70
N ILE A 372 -13.96 -0.97 1.07
CA ILE A 372 -13.16 -0.22 0.10
C ILE A 372 -11.72 -0.72 0.01
N TYR A 373 -11.42 -1.87 0.59
CA TYR A 373 -10.05 -2.32 0.74
C TYR A 373 -9.39 -2.76 -0.51
N GLN A 374 -10.11 -3.35 -1.48
CA GLN A 374 -9.42 -3.72 -2.73
C GLN A 374 -8.82 -2.48 -3.42
N ARG A 375 -9.50 -1.32 -3.28
CA ARG A 375 -9.00 -0.07 -3.85
C ARG A 375 -7.67 0.37 -3.25
N THR A 376 -7.35 -0.06 -2.04
CA THR A 376 -6.08 0.33 -1.40
C THR A 376 -4.90 -0.53 -1.82
N ALA A 377 -5.15 -1.72 -2.42
CA ALA A 377 -4.16 -2.79 -2.57
C ALA A 377 -3.20 -2.70 -3.75
N ALA A 378 -3.28 -1.61 -4.52
CA ALA A 378 -2.26 -1.32 -5.52
C ALA A 378 -2.03 0.19 -5.50
N TYR A 379 -0.80 0.63 -5.84
CA TYR A 379 -0.45 2.06 -5.93
C TYR A 379 -0.31 2.77 -4.58
N GLY A 380 -0.16 1.99 -3.51
CA GLY A 380 0.03 2.58 -2.19
C GLY A 380 -1.25 2.79 -1.45
N HIS A 381 -1.20 2.70 -0.14
CA HIS A 381 -2.38 2.91 0.69
C HIS A 381 -2.58 4.36 1.08
N PHE A 382 -1.54 5.20 0.87
CA PHE A 382 -1.49 6.57 1.33
C PHE A 382 -1.26 7.52 0.18
N GLY A 383 -1.71 8.73 0.37
CA GLY A 383 -1.54 9.83 -0.55
C GLY A 383 -2.45 9.83 -1.77
N ARG A 384 -3.51 9.04 -1.74
CA ARG A 384 -4.43 8.91 -2.88
C ARG A 384 -5.88 8.92 -2.45
N ASP A 385 -6.75 9.40 -3.33
CA ASP A 385 -8.21 9.25 -3.34
C ASP A 385 -9.01 9.69 -2.14
N SER A 386 -8.44 10.49 -1.24
CA SER A 386 -9.17 11.02 -0.10
C SER A 386 -9.91 9.96 0.71
N PHE A 387 -9.22 8.82 0.97
CA PHE A 387 -9.68 7.80 1.92
C PHE A 387 -9.79 8.48 3.29
N PRO A 388 -10.56 7.98 4.28
CA PRO A 388 -10.70 8.73 5.54
C PRO A 388 -9.39 9.11 6.24
N TRP A 389 -8.37 8.25 6.17
CA TRP A 389 -7.08 8.53 6.80
C TRP A 389 -6.27 9.61 6.08
N GLU A 390 -6.71 10.02 4.90
CA GLU A 390 -6.08 11.09 4.11
C GLU A 390 -6.78 12.42 4.30
N VAL A 391 -7.88 12.49 5.06
CA VAL A 391 -8.59 13.74 5.28
C VAL A 391 -8.13 14.24 6.64
N PRO A 392 -7.34 15.32 6.71
CA PRO A 392 -6.80 15.73 8.01
C PRO A 392 -7.86 16.11 9.02
N LYS A 393 -7.61 15.80 10.27
CA LYS A 393 -8.49 16.24 11.35
C LYS A 393 -8.06 17.64 11.73
N LYS A 394 -9.03 18.55 11.92
CA LYS A 394 -8.79 19.91 12.41
C LYS A 394 -8.45 19.77 13.90
N LEU A 395 -7.25 20.20 14.28
CA LEU A 395 -6.76 20.04 15.64
C LEU A 395 -7.15 21.16 16.58
N LYS A 396 -7.54 20.80 17.80
CA LYS A 396 -7.92 21.76 18.82
C LYS A 396 -6.88 21.71 19.93
N TYR A 397 -6.27 22.86 20.25
CA TYR A 397 -5.26 22.92 21.32
C TYR A 397 -5.08 24.34 21.81
#